data_9LHJ
#
_entry.id   9LHJ
#
_cell.length_a   62.415
_cell.length_b   71.603
_cell.length_c   68.560
_cell.angle_alpha   90.00
_cell.angle_beta   93.10
_cell.angle_gamma   90.00
#
_symmetry.space_group_name_H-M   'P 1 21 1'
#
loop_
_entity.id
_entity.type
_entity.pdbx_description
1 polymer 'Ubiquitin-conjugating enzyme E2 N'
2 polymer 'Ubiquitin-conjugating enzyme E2 variant 2'
3 water water
#
loop_
_entity_poly.entity_id
_entity_poly.type
_entity_poly.pdbx_seq_one_letter_code
_entity_poly.pdbx_strand_id
1 'polypeptide(L)'
;MAGLPRRIIKETQRLLAEPVPGIKAEPDESNARYFHVVIAGPQDSPFEGGTFKLELFLPEEYPMAAPKVRFMT(A1EJS)
IYHPNVDKLGRICLDILKDKWSPALQIRTVLLSIQALLSAPNPDDPLANDVAEQWKTNEAQAIETARAWTRLYAMNNI
;
A,B
2 'polypeptide(L)'
;MAVSTGVKVPRNFRLLEELEEGQKGVGDGTVSWGLEDDEDMTLTRWTGMIIGPPRTNYENRIYSLKVECGPKYPEAPPSV
RFVTKINMNGINNSSGMVDARSIPVLAKWQNSYSIKVVLQELRRLMMSKENMKLPQPPEGQTYNN
;
C,D
#
# COMPACT_ATOMS: atom_id res chain seq x y z
N GLY A 3 -14.56 39.69 -10.76
CA GLY A 3 -15.40 39.53 -9.57
C GLY A 3 -15.18 38.23 -8.81
N LEU A 4 -15.18 38.33 -7.47
CA LEU A 4 -15.05 37.13 -6.65
C LEU A 4 -16.18 36.15 -6.95
N PRO A 5 -15.87 34.94 -7.39
CA PRO A 5 -16.94 34.00 -7.79
C PRO A 5 -17.88 33.70 -6.64
N ARG A 6 -19.18 33.70 -6.97
CA ARG A 6 -20.23 33.38 -6.00
C ARG A 6 -19.97 32.03 -5.32
N ARG A 7 -19.43 31.07 -6.06
CA ARG A 7 -19.17 29.76 -5.48
C ARG A 7 -18.21 29.85 -4.29
N ILE A 8 -17.18 30.70 -4.39
CA ILE A 8 -16.25 30.85 -3.28
C ILE A 8 -16.96 31.48 -2.07
N ILE A 9 -17.80 32.48 -2.29
CA ILE A 9 -18.54 33.10 -1.19
C ILE A 9 -19.42 32.07 -0.49
N LYS A 10 -20.13 31.26 -1.27
CA LYS A 10 -21.04 30.28 -0.69
C LYS A 10 -20.28 29.19 0.07
N GLU A 11 -19.17 28.69 -0.50
CA GLU A 11 -18.38 27.71 0.22
C GLU A 11 -17.85 28.28 1.53
N THR A 12 -17.43 29.55 1.53
CA THR A 12 -16.91 30.16 2.76
C THR A 12 -17.99 30.24 3.82
N GLN A 13 -19.19 30.70 3.41
CA GLN A 13 -20.31 30.73 4.34
C GLN A 13 -20.59 29.35 4.91
N ARG A 14 -20.54 28.32 4.05
CA ARG A 14 -20.83 26.95 4.50
C ARG A 14 -19.80 26.46 5.49
N LEU A 15 -18.52 26.80 5.25
CA LEU A 15 -17.47 26.40 6.18
C LEU A 15 -17.69 27.02 7.56
N LEU A 16 -18.16 28.27 7.58
CA LEU A 16 -18.38 28.92 8.86
C LEU A 16 -19.62 28.35 9.57
N ALA A 17 -20.66 28.02 8.79
CA ALA A 17 -21.93 27.58 9.36
C ALA A 17 -21.92 26.10 9.75
N GLU A 18 -21.27 25.24 8.96
CA GLU A 18 -21.25 23.80 9.21
C GLU A 18 -19.82 23.30 9.13
N PRO A 19 -19.03 23.48 10.18
CA PRO A 19 -17.64 23.02 10.13
C PRO A 19 -17.54 21.50 10.12
N VAL A 20 -16.40 21.02 9.65
CA VAL A 20 -16.11 19.58 9.68
C VAL A 20 -15.63 19.21 11.08
N PRO A 21 -16.20 18.19 11.73
CA PRO A 21 -15.71 17.79 13.05
C PRO A 21 -14.21 17.49 13.02
N GLY A 22 -13.50 17.97 14.05
CA GLY A 22 -12.05 17.85 14.12
C GLY A 22 -11.25 18.81 13.26
N ILE A 23 -11.90 19.69 12.50
CA ILE A 23 -11.23 20.58 11.56
C ILE A 23 -11.70 22.01 11.78
N LYS A 24 -10.76 22.93 11.94
CA LYS A 24 -11.05 24.35 11.90
C LYS A 24 -10.57 24.91 10.56
N ALA A 25 -11.38 25.77 9.97
CA ALA A 25 -10.99 26.34 8.68
C ALA A 25 -11.57 27.75 8.58
N GLU A 26 -10.69 28.73 8.48
CA GLU A 26 -11.10 30.13 8.54
C GLU A 26 -10.42 30.90 7.41
N PRO A 27 -11.13 31.79 6.74
CA PRO A 27 -10.47 32.61 5.71
C PRO A 27 -9.57 33.66 6.35
N ASP A 28 -8.52 34.02 5.60
CA ASP A 28 -7.57 35.04 6.00
C ASP A 28 -8.23 36.42 5.90
N GLU A 29 -8.04 37.24 6.94
CA GLU A 29 -8.70 38.56 6.96
C GLU A 29 -8.35 39.38 5.73
N SER A 30 -7.13 39.25 5.22
CA SER A 30 -6.68 40.06 4.10
C SER A 30 -6.88 39.41 2.75
N ASN A 31 -7.28 38.13 2.70
CA ASN A 31 -7.25 37.44 1.42
C ASN A 31 -8.35 36.39 1.40
N ALA A 32 -9.43 36.69 0.67
CA ALA A 32 -10.59 35.81 0.67
C ALA A 32 -10.33 34.45 0.02
N ARG A 33 -9.20 34.28 -0.66
CA ARG A 33 -8.87 33.02 -1.31
C ARG A 33 -7.97 32.15 -0.44
N TYR A 34 -7.60 32.63 0.74
CA TYR A 34 -6.57 32.05 1.58
C TYR A 34 -7.20 31.59 2.89
N PHE A 35 -7.00 30.33 3.24
CA PHE A 35 -7.62 29.73 4.41
C PHE A 35 -6.57 29.16 5.33
N HIS A 36 -6.77 29.39 6.64
CA HIS A 36 -5.95 28.79 7.69
C HIS A 36 -6.72 27.65 8.31
N VAL A 37 -6.12 26.46 8.31
CA VAL A 37 -6.80 25.23 8.67
C VAL A 37 -6.05 24.59 9.83
N VAL A 38 -6.78 24.00 10.77
CA VAL A 38 -6.18 23.17 11.80
C VAL A 38 -6.91 21.83 11.84
N ILE A 39 -6.16 20.73 11.74
CA ILE A 39 -6.75 19.39 11.83
C ILE A 39 -6.22 18.71 13.10
N ALA A 40 -7.16 18.21 13.92
CA ALA A 40 -6.75 17.47 15.10
C ALA A 40 -6.30 16.08 14.69
N GLY A 41 -5.24 15.59 15.33
CA GLY A 41 -4.77 14.25 15.07
C GLY A 41 -5.87 13.26 15.40
N PRO A 42 -6.22 12.39 14.45
CA PRO A 42 -7.32 11.46 14.70
C PRO A 42 -7.04 10.49 15.86
N GLN A 43 -8.09 10.20 16.62
CA GLN A 43 -8.03 9.18 17.66
C GLN A 43 -7.52 7.86 17.10
N ASP A 44 -6.66 7.18 17.85
CA ASP A 44 -6.09 5.87 17.52
C ASP A 44 -5.06 5.91 16.39
N SER A 45 -4.76 7.08 15.84
CA SER A 45 -3.72 7.19 14.82
C SER A 45 -2.40 7.58 15.45
N PRO A 46 -1.30 7.48 14.71
CA PRO A 46 -0.01 7.93 15.23
C PRO A 46 0.00 9.40 15.58
N PHE A 47 -0.97 10.17 15.08
CA PHE A 47 -0.99 11.61 15.26
C PHE A 47 -1.93 12.05 16.37
N GLU A 48 -2.49 11.09 17.11
CA GLU A 48 -3.39 11.42 18.21
C GLU A 48 -2.74 12.40 19.18
N GLY A 49 -3.54 13.36 19.63
CA GLY A 49 -3.10 14.35 20.58
C GLY A 49 -2.47 15.58 19.94
N GLY A 50 -2.13 15.52 18.65
CA GLY A 50 -1.52 16.65 17.98
C GLY A 50 -2.53 17.58 17.31
N THR A 51 -2.08 18.81 17.03
CA THR A 51 -2.86 19.77 16.27
C THR A 51 -2.00 20.21 15.09
N PHE A 52 -2.51 20.08 13.88
CA PHE A 52 -1.71 20.29 12.68
C PHE A 52 -2.24 21.47 11.88
N LYS A 53 -1.35 22.43 11.62
CA LYS A 53 -1.67 23.60 10.84
C LYS A 53 -1.46 23.33 9.36
N LEU A 54 -2.43 23.77 8.55
CA LEU A 54 -2.34 23.71 7.09
C LEU A 54 -2.78 25.06 6.54
N GLU A 55 -2.34 25.33 5.31
CA GLU A 55 -2.82 26.48 4.56
C GLU A 55 -3.44 26.02 3.25
N LEU A 56 -4.48 26.73 2.81
CA LEU A 56 -5.17 26.37 1.58
C LEU A 56 -5.38 27.64 0.77
N PHE A 57 -5.24 27.53 -0.55
CA PHE A 57 -5.35 28.68 -1.43
C PHE A 57 -6.18 28.32 -2.64
N LEU A 58 -7.14 29.19 -3.00
CA LEU A 58 -7.99 28.99 -4.16
C LEU A 58 -7.42 29.77 -5.34
N PRO A 59 -6.81 29.10 -6.32
CA PRO A 59 -6.15 29.84 -7.41
C PRO A 59 -7.17 30.45 -8.37
N GLU A 60 -6.63 31.25 -9.30
CA GLU A 60 -7.46 32.03 -10.21
C GLU A 60 -8.58 31.20 -10.83
N GLU A 61 -8.26 30.01 -11.33
CA GLU A 61 -9.21 29.20 -12.08
C GLU A 61 -10.06 28.28 -11.23
N TYR A 62 -10.01 28.42 -9.90
CA TYR A 62 -10.93 27.64 -9.07
C TYR A 62 -12.37 28.02 -9.45
N PRO A 63 -13.30 27.03 -9.55
CA PRO A 63 -13.14 25.60 -9.28
C PRO A 63 -12.73 24.71 -10.47
N MET A 64 -12.34 25.25 -11.63
CA MET A 64 -11.82 24.38 -12.68
C MET A 64 -10.48 23.78 -12.30
N ALA A 65 -9.63 24.56 -11.63
CA ALA A 65 -8.38 24.06 -11.08
C ALA A 65 -8.55 23.73 -9.60
N ALA A 66 -7.75 22.78 -9.10
CA ALA A 66 -7.89 22.32 -7.73
C ALA A 66 -7.42 23.38 -6.73
N PRO A 67 -7.91 23.34 -5.50
CA PRO A 67 -7.28 24.13 -4.44
C PRO A 67 -5.84 23.64 -4.21
N LYS A 68 -4.98 24.56 -3.78
CA LYS A 68 -3.63 24.20 -3.37
C LYS A 68 -3.57 24.13 -1.85
N VAL A 69 -2.88 23.11 -1.32
CA VAL A 69 -2.89 22.89 0.13
C VAL A 69 -1.48 22.50 0.56
N ARG A 70 -1.06 23.04 1.70
CA ARG A 70 0.28 22.80 2.25
C ARG A 70 0.17 22.53 3.74
N PHE A 71 0.76 21.43 4.21
CA PHE A 71 0.96 21.26 5.64
C PHE A 71 1.99 22.27 6.10
N MET A 72 1.71 22.97 7.19
CA MET A 72 2.69 23.86 7.77
C MET A 72 3.36 23.27 8.98
N THR A 73 2.63 22.47 9.77
CA THR A 73 3.21 21.76 10.90
C THR A 73 4.02 20.57 10.45
C22 A1EJS A 74 10.35 17.69 7.21
C25 A1EJS A 74 8.43 19.39 7.45
C30 A1EJS A 74 7.44 18.65 6.83
C29 A1EJS A 74 6.13 19.15 6.80
C28 A1EJS A 74 5.83 20.37 7.40
C27 A1EJS A 74 6.84 21.10 8.02
C26 A1EJS A 74 8.13 20.62 8.02
C18 A1EJS A 74 12.28 16.28 6.89
C17 A1EJS A 74 11.73 17.51 7.18
O15 A1EJS A 74 14.29 21.16 8.98
O14 A1EJS A 74 12.99 20.40 11.82
C13 A1EJS A 74 12.87 19.10 8.78
C10 A1EJS A 74 12.38 18.66 10.14
CE A1EJS A 74 10.95 17.76 11.96
CD A1EJS A 74 9.58 18.42 12.11
CG A1EJS A 74 8.60 18.31 10.93
CB A1EJS A 74 7.49 19.30 11.24
CA A1EJS A 74 6.12 19.10 10.59
C A1EJS A 74 5.47 17.85 11.16
C11 A1EJS A 74 12.98 19.93 10.75
C12 A1EJS A 74 13.58 20.30 9.38
C20 A1EJS A 74 10.12 15.51 6.68
C31 A1EJS A 74 9.21 21.41 8.75
C34 A1EJS A 74 9.26 23.69 9.45
C35 A1EJS A 74 9.88 13.11 6.45
C36 A1EJS A 74 10.33 12.65 5.06
C37 A1EJS A 74 11.54 11.98 4.94
C38 A1EJS A 74 11.95 11.52 3.71
C39 A1EJS A 74 11.17 11.73 2.59
C40 A1EJS A 74 9.96 12.42 2.70
C41 A1EJS A 74 9.55 12.87 3.94
C42 A1EJS A 74 9.11 12.61 1.45
C44 A1EJS A 74 8.53 13.09 -0.54
C45 A1EJS A 74 7.45 12.56 0.11
C47 A1EJS A 74 6.98 11.67 2.35
F48 A1EJS A 74 5.16 18.40 6.22
NZ A1EJS A 74 11.37 17.73 10.57
N A1EJS A 74 5.36 20.28 10.88
N16 A1EJS A 74 12.61 18.64 7.43
N19 A1EJS A 74 11.43 15.32 6.65
N21 A1EJS A 74 9.57 16.67 6.95
N23 A1EJS A 74 9.25 14.41 6.40
N24 A1EJS A 74 9.83 19.00 7.52
N43 A1EJS A 74 9.55 13.11 0.30
N46 A1EJS A 74 7.84 12.26 1.34
O A1EJS A 74 4.82 17.93 12.13
O32 A1EJS A 74 8.79 22.39 9.66
O33 A1EJS A 74 10.35 21.14 8.61
H301 A1EJS A 74 7.67 17.70 6.37
H281 A1EJS A 74 4.81 20.74 7.38
H271 A1EJS A 74 6.61 22.04 8.50
H181 A1EJS A 74 13.35 16.12 6.86
HE2 A1EJS A 74 10.90 16.75 12.33
HE3 A1EJS A 74 11.68 18.32 12.53
HD3 A1EJS A 74 9.10 17.99 12.98
HD2 A1EJS A 74 9.74 19.48 12.30
HG2 A1EJS A 74 9.09 18.55 9.99
HG3 A1EJS A 74 8.20 17.29 10.87
HB2 A1EJS A 74 7.34 19.29 12.32
HB3 A1EJS A 74 7.85 20.29 10.95
HA A1EJS A 74 6.21 18.96 9.52
H341 A1EJS A 74 9.26 24.23 10.38
H343 A1EJS A 74 8.58 24.19 8.75
H342 A1EJS A 74 10.25 23.65 9.03
H352 A1EJS A 74 9.18 12.39 6.85
H351 A1EJS A 74 10.75 13.16 7.11
H371 A1EJS A 74 12.15 11.81 5.81
H381 A1EJS A 74 12.89 10.99 3.62
H391 A1EJS A 74 11.50 11.37 1.62
H411 A1EJS A 74 8.61 13.41 4.03
H441 A1EJS A 74 8.55 13.43 -1.58
H451 A1EJS A 74 6.45 12.41 -0.29
H472 A1EJS A 74 6.00 11.49 1.93
H473 A1EJS A 74 6.89 12.36 3.19
H471 A1EJS A 74 7.41 10.74 2.70
HZ1 A1EJS A 74 10.97 17.07 9.93
H A1EJS A 74 5.43 20.51 11.86
H161 A1EJS A 74 13.04 19.11 6.67
H231 A1EJS A 74 8.30 14.52 6.19
H241 A1EJS A 74 10.49 19.69 7.83
N ILE A 75 5.35 17.07 9.98
CA ILE A 75 4.63 15.81 10.22
C ILE A 75 5.34 14.69 9.49
N TYR A 76 5.29 13.48 10.04
CA TYR A 76 5.91 12.29 9.43
C TYR A 76 4.80 11.44 8.80
N HIS A 77 4.68 11.50 7.47
CA HIS A 77 3.54 10.87 6.79
C HIS A 77 3.88 10.50 5.35
N PRO A 78 3.43 9.34 4.87
CA PRO A 78 3.77 8.91 3.50
C PRO A 78 3.37 9.90 2.43
N ASN A 79 2.33 10.71 2.67
CA ASN A 79 1.75 11.58 1.66
C ASN A 79 2.22 13.03 1.74
N VAL A 80 3.13 13.38 2.65
CA VAL A 80 3.52 14.78 2.88
C VAL A 80 5.03 14.90 2.73
N ASP A 81 5.48 15.70 1.75
CA ASP A 81 6.92 15.80 1.52
C ASP A 81 7.55 16.81 2.48
N LYS A 82 8.85 17.08 2.31
CA LYS A 82 9.59 17.84 3.31
C LYS A 82 9.30 19.34 3.27
N LEU A 83 8.58 19.81 2.25
CA LEU A 83 8.10 21.17 2.18
C LEU A 83 6.62 21.26 2.50
N GLY A 84 6.02 20.16 2.96
CA GLY A 84 4.61 20.16 3.30
C GLY A 84 3.67 19.92 2.14
N ARG A 85 4.17 19.62 0.95
CA ARG A 85 3.26 19.37 -0.16
C ARG A 85 2.59 18.01 0.00
N ILE A 86 1.32 17.94 -0.42
CA ILE A 86 0.47 16.78 -0.15
C ILE A 86 0.25 16.02 -1.45
N CYS A 87 0.51 14.72 -1.43
CA CYS A 87 0.24 13.85 -2.58
C CYS A 87 -1.12 13.22 -2.38
N LEU A 88 -2.11 13.70 -3.14
CA LEU A 88 -3.49 13.29 -3.05
C LEU A 88 -4.10 13.42 -4.42
N ASP A 89 -4.73 12.34 -4.92
CA ASP A 89 -5.15 12.35 -6.32
C ASP A 89 -6.12 13.50 -6.62
N ILE A 90 -7.05 13.81 -5.71
CA ILE A 90 -8.00 14.85 -6.04
C ILE A 90 -7.40 16.25 -5.97
N LEU A 91 -6.13 16.38 -5.55
CA LEU A 91 -5.43 17.65 -5.65
C LEU A 91 -4.65 17.74 -6.96
N LYS A 92 -4.64 16.67 -7.76
CA LYS A 92 -4.02 16.67 -9.09
C LYS A 92 -4.96 16.08 -10.13
N ASP A 93 -4.62 14.88 -10.63
CA ASP A 93 -5.36 14.25 -11.72
C ASP A 93 -6.86 14.24 -11.51
N LYS A 94 -7.31 13.92 -10.31
CA LYS A 94 -8.70 13.56 -10.09
C LYS A 94 -9.54 14.71 -9.57
N TRP A 95 -9.03 15.93 -9.57
CA TRP A 95 -9.88 17.05 -9.18
C TRP A 95 -11.01 17.23 -10.19
N SER A 96 -12.15 17.68 -9.70
CA SER A 96 -13.21 18.15 -10.59
C SER A 96 -14.03 19.19 -9.84
N PRO A 97 -14.72 20.07 -10.56
CA PRO A 97 -15.54 21.08 -9.89
C PRO A 97 -16.72 20.50 -9.13
N ALA A 98 -17.03 19.22 -9.33
CA ALA A 98 -18.02 18.55 -8.50
C ALA A 98 -17.58 18.49 -7.05
N LEU A 99 -16.26 18.46 -6.81
CA LEU A 99 -15.72 18.41 -5.46
C LEU A 99 -15.61 19.81 -4.88
N GLN A 100 -15.34 19.89 -3.58
CA GLN A 100 -15.28 21.19 -2.95
C GLN A 100 -14.29 21.17 -1.80
N ILE A 101 -14.07 22.35 -1.21
CA ILE A 101 -13.09 22.51 -0.13
C ILE A 101 -13.33 21.49 0.97
N ARG A 102 -14.60 21.32 1.36
CA ARG A 102 -14.90 20.41 2.46
C ARG A 102 -14.46 18.99 2.14
N THR A 103 -14.56 18.57 0.87
CA THR A 103 -14.08 17.25 0.45
C THR A 103 -12.58 17.12 0.66
N VAL A 104 -11.83 18.18 0.33
CA VAL A 104 -10.38 18.14 0.45
C VAL A 104 -9.98 18.03 1.92
N LEU A 105 -10.62 18.83 2.76
CA LEU A 105 -10.30 18.81 4.19
C LEU A 105 -10.62 17.45 4.80
N LEU A 106 -11.79 16.90 4.47
CA LEU A 106 -12.14 15.57 4.98
C LEU A 106 -11.18 14.51 4.46
N SER A 107 -10.71 14.64 3.21
CA SER A 107 -9.75 13.67 2.67
C SER A 107 -8.43 13.71 3.42
N ILE A 108 -7.93 14.92 3.74
CA ILE A 108 -6.66 15.00 4.45
C ILE A 108 -6.78 14.40 5.85
N GLN A 109 -7.89 14.73 6.55
CA GLN A 109 -8.15 14.09 7.83
C GLN A 109 -8.14 12.57 7.70
N ALA A 110 -8.77 12.06 6.66
CA ALA A 110 -8.82 10.62 6.44
C ALA A 110 -7.42 10.05 6.17
N LEU A 111 -6.58 10.81 5.46
CA LEU A 111 -5.19 10.38 5.23
C LEU A 111 -4.44 10.20 6.54
N LEU A 112 -4.67 11.11 7.51
CA LEU A 112 -3.99 11.00 8.80
C LEU A 112 -4.53 9.84 9.62
N SER A 113 -5.85 9.63 9.58
CA SER A 113 -6.47 8.62 10.44
C SER A 113 -5.96 7.21 10.15
N ALA A 114 -5.68 6.92 8.90
CA ALA A 114 -5.35 5.57 8.51
C ALA A 114 -4.50 5.66 7.26
N PRO A 115 -3.20 5.95 7.41
CA PRO A 115 -2.34 6.14 6.24
C PRO A 115 -2.24 4.86 5.40
N ASN A 116 -2.20 5.06 4.09
CA ASN A 116 -2.02 3.98 3.11
C ASN A 116 -0.75 4.23 2.29
N PRO A 117 0.33 3.47 2.49
CA PRO A 117 1.63 3.84 1.92
C PRO A 117 1.85 3.49 0.45
N ASP A 118 0.87 3.04 -0.31
CA ASP A 118 1.12 2.70 -1.72
C ASP A 118 0.95 3.93 -2.61
N ASP A 119 1.93 4.14 -3.50
CA ASP A 119 1.98 5.31 -4.38
C ASP A 119 2.10 4.92 -5.85
N ALA A 122 5.81 7.37 -4.31
CA ALA A 122 6.84 6.46 -3.81
C ALA A 122 8.01 7.27 -3.23
N ASN A 123 8.32 7.01 -1.97
CA ASN A 123 9.24 7.86 -1.22
C ASN A 123 9.70 7.11 0.01
N ASP A 124 10.69 7.67 0.71
CA ASP A 124 11.32 6.95 1.83
C ASP A 124 10.32 6.65 2.94
N VAL A 125 9.41 7.58 3.23
CA VAL A 125 8.49 7.36 4.33
C VAL A 125 7.47 6.29 3.96
N ALA A 126 6.94 6.34 2.74
CA ALA A 126 6.02 5.29 2.29
C ALA A 126 6.70 3.92 2.34
N GLU A 127 7.97 3.85 1.91
CA GLU A 127 8.69 2.58 1.96
C GLU A 127 8.82 2.07 3.39
N GLN A 128 9.20 2.96 4.32
CA GLN A 128 9.28 2.56 5.72
C GLN A 128 7.94 2.06 6.24
N TRP A 129 6.86 2.75 5.87
CA TRP A 129 5.54 2.36 6.35
C TRP A 129 5.18 0.96 5.84
N LYS A 130 5.62 0.63 4.62
CA LYS A 130 5.31 -0.67 4.05
C LYS A 130 6.12 -1.78 4.71
N THR A 131 7.44 -1.60 4.80
CA THR A 131 8.28 -2.71 5.22
C THR A 131 8.78 -2.60 6.66
N ASN A 132 8.58 -1.46 7.33
CA ASN A 132 9.00 -1.33 8.72
C ASN A 132 7.97 -0.45 9.44
N GLU A 133 6.73 -0.93 9.48
CA GLU A 133 5.62 -0.11 9.95
C GLU A 133 5.82 0.33 11.40
N ALA A 134 6.31 -0.57 12.26
CA ALA A 134 6.45 -0.23 13.68
C ALA A 134 7.32 1.00 13.87
N GLN A 135 8.43 1.07 13.15
CA GLN A 135 9.33 2.21 13.25
C GLN A 135 8.70 3.47 12.67
N ALA A 136 7.98 3.34 11.55
CA ALA A 136 7.32 4.51 10.96
C ALA A 136 6.30 5.08 11.94
N ILE A 137 5.52 4.21 12.56
CA ILE A 137 4.51 4.68 13.51
C ILE A 137 5.18 5.35 14.71
N GLU A 138 6.27 4.75 15.24
CA GLU A 138 6.96 5.37 16.36
C GLU A 138 7.50 6.75 15.98
N THR A 139 8.04 6.89 14.77
CA THR A 139 8.56 8.20 14.36
C THR A 139 7.45 9.21 14.21
N ALA A 140 6.31 8.80 13.62
CA ALA A 140 5.17 9.71 13.52
C ALA A 140 4.69 10.15 14.91
N ARG A 141 4.68 9.21 15.87
CA ARG A 141 4.31 9.56 17.24
C ARG A 141 5.32 10.53 17.85
N ALA A 142 6.61 10.27 17.63
CA ALA A 142 7.63 11.15 18.19
C ALA A 142 7.49 12.56 17.64
N TRP A 143 7.29 12.68 16.33
CA TRP A 143 7.16 14.01 15.72
C TRP A 143 5.86 14.68 16.14
N THR A 144 4.81 13.91 16.43
CA THR A 144 3.61 14.53 16.99
C THR A 144 3.91 15.15 18.35
N ARG A 145 4.56 14.37 19.23
CA ARG A 145 5.00 14.90 20.54
C ARG A 145 5.87 16.15 20.40
N LEU A 146 6.75 16.19 19.40
CA LEU A 146 7.76 17.24 19.30
C LEU A 146 7.23 18.51 18.66
N TYR A 147 6.36 18.38 17.67
CA TYR A 147 6.06 19.49 16.78
C TYR A 147 4.59 19.86 16.71
N ALA A 148 3.69 18.99 17.17
CA ALA A 148 2.27 19.21 17.02
C ALA A 148 1.58 19.43 18.36
N MET A 149 2.33 19.76 19.41
CA MET A 149 1.73 19.96 20.72
C MET A 149 1.80 21.39 21.25
N ASN A 150 2.66 22.23 20.68
CA ASN A 150 2.82 23.59 21.19
C ASN A 150 2.80 24.62 20.06
N GLY B 3 13.53 -22.90 -11.21
CA GLY B 3 14.97 -22.87 -11.02
C GLY B 3 15.45 -21.62 -10.30
N LEU B 4 16.76 -21.59 -9.94
CA LEU B 4 17.30 -20.44 -9.21
C LEU B 4 17.52 -19.28 -10.17
N PRO B 5 17.15 -18.06 -9.77
CA PRO B 5 17.46 -16.89 -10.61
C PRO B 5 18.95 -16.75 -10.86
N ARG B 6 19.28 -16.39 -12.11
CA ARG B 6 20.68 -16.21 -12.48
C ARG B 6 21.39 -15.27 -11.51
N ARG B 7 20.68 -14.25 -11.01
CA ARG B 7 21.30 -13.30 -10.09
C ARG B 7 21.85 -14.01 -8.86
N ILE B 8 21.10 -14.96 -8.31
CA ILE B 8 21.57 -15.63 -7.10
C ILE B 8 22.75 -16.54 -7.42
N ILE B 9 22.69 -17.23 -8.56
CA ILE B 9 23.80 -18.09 -8.97
C ILE B 9 25.07 -17.28 -9.08
N LYS B 10 25.00 -16.12 -9.73
CA LYS B 10 26.19 -15.30 -9.95
C LYS B 10 26.70 -14.74 -8.62
N GLU B 11 25.80 -14.25 -7.76
CA GLU B 11 26.25 -13.73 -6.48
C GLU B 11 26.93 -14.81 -5.66
N THR B 12 26.36 -16.02 -5.64
CA THR B 12 26.95 -17.09 -4.87
C THR B 12 28.34 -17.44 -5.39
N GLN B 13 28.49 -17.54 -6.71
CA GLN B 13 29.80 -17.83 -7.27
C GLN B 13 30.83 -16.77 -6.91
N ARG B 14 30.46 -15.48 -6.99
CA ARG B 14 31.38 -14.42 -6.60
C ARG B 14 31.71 -14.45 -5.10
N LEU B 15 30.72 -14.75 -4.25
CA LEU B 15 30.98 -14.81 -2.82
C LEU B 15 31.99 -15.91 -2.49
N LEU B 16 31.89 -17.05 -3.18
CA LEU B 16 32.84 -18.12 -2.88
C LEU B 16 34.19 -17.90 -3.56
N ALA B 17 34.22 -17.19 -4.69
CA ALA B 17 35.48 -16.93 -5.38
C ALA B 17 36.29 -15.84 -4.68
N GLU B 18 35.61 -14.87 -4.09
CA GLU B 18 36.23 -13.70 -3.47
C GLU B 18 35.63 -13.50 -2.10
N PRO B 19 36.00 -14.34 -1.13
CA PRO B 19 35.37 -14.25 0.19
C PRO B 19 35.76 -12.98 0.91
N VAL B 20 34.90 -12.57 1.85
CA VAL B 20 35.14 -11.43 2.73
C VAL B 20 36.04 -11.88 3.86
N PRO B 21 37.18 -11.22 4.08
CA PRO B 21 38.04 -11.58 5.21
C PRO B 21 37.26 -11.54 6.53
N GLY B 22 37.41 -12.59 7.33
CA GLY B 22 36.73 -12.74 8.60
C GLY B 22 35.33 -13.27 8.52
N ILE B 23 34.84 -13.60 7.32
CA ILE B 23 33.46 -14.04 7.10
C ILE B 23 33.44 -15.30 6.26
N LYS B 24 32.79 -16.34 6.76
CA LYS B 24 32.49 -17.55 5.99
C LYS B 24 31.01 -17.55 5.64
N ALA B 25 30.68 -17.78 4.36
CA ALA B 25 29.28 -17.85 3.96
C ALA B 25 29.11 -18.97 2.95
N GLU B 26 28.33 -19.99 3.30
CA GLU B 26 28.21 -21.21 2.51
C GLU B 26 26.74 -21.54 2.24
N PRO B 27 26.36 -21.72 0.98
CA PRO B 27 24.98 -22.12 0.70
C PRO B 27 24.70 -23.56 1.13
N ASP B 28 23.46 -23.81 1.50
CA ASP B 28 23.05 -25.12 2.00
C ASP B 28 22.78 -26.09 0.85
N GLU B 29 23.29 -27.32 0.99
CA GLU B 29 23.15 -28.28 -0.10
C GLU B 29 21.68 -28.56 -0.44
N SER B 30 20.77 -28.41 0.53
CA SER B 30 19.35 -28.67 0.29
C SER B 30 18.52 -27.42 0.02
N ASN B 31 19.13 -26.22 0.04
CA ASN B 31 18.39 -25.02 -0.32
C ASN B 31 19.42 -23.93 -0.59
N ALA B 32 19.69 -23.68 -1.87
CA ALA B 32 20.67 -22.70 -2.31
C ALA B 32 20.32 -21.26 -1.91
N ARG B 33 19.10 -21.01 -1.42
CA ARG B 33 18.75 -19.69 -0.91
C ARG B 33 19.16 -19.48 0.54
N TYR B 34 19.62 -20.53 1.22
CA TYR B 34 19.98 -20.50 2.63
C TYR B 34 21.50 -20.57 2.78
N PHE B 35 22.05 -19.67 3.58
CA PHE B 35 23.49 -19.57 3.76
C PHE B 35 23.82 -19.71 5.25
N HIS B 36 24.76 -20.60 5.54
CA HIS B 36 25.35 -20.71 6.88
C HIS B 36 26.50 -19.71 6.96
N VAL B 37 26.46 -18.80 7.94
CA VAL B 37 27.41 -17.69 8.00
C VAL B 37 28.16 -17.74 9.31
N VAL B 38 29.46 -17.47 9.27
CA VAL B 38 30.26 -17.32 10.49
C VAL B 38 31.04 -16.03 10.37
N ILE B 39 30.97 -15.17 11.38
CA ILE B 39 31.75 -13.92 11.41
C ILE B 39 32.66 -13.92 12.66
N ALA B 40 33.96 -13.70 12.45
CA ALA B 40 34.85 -13.55 13.59
C ALA B 40 34.66 -12.19 14.25
N GLY B 41 34.68 -12.17 15.59
CA GLY B 41 34.62 -10.90 16.30
C GLY B 41 35.79 -10.03 15.84
N PRO B 42 35.52 -8.79 15.44
CA PRO B 42 36.61 -7.95 14.95
C PRO B 42 37.65 -7.67 16.02
N GLN B 43 38.89 -7.54 15.57
CA GLN B 43 39.97 -7.15 16.49
C GLN B 43 39.69 -5.75 17.03
N ASP B 44 40.00 -5.53 18.30
CA ASP B 44 39.79 -4.24 18.94
C ASP B 44 38.31 -3.85 18.93
N SER B 45 37.44 -4.83 19.10
CA SER B 45 36.03 -4.61 19.35
C SER B 45 35.68 -5.37 20.61
N PRO B 46 34.50 -5.12 21.18
CA PRO B 46 34.09 -5.87 22.39
C PRO B 46 33.93 -7.34 22.12
N PHE B 47 33.91 -7.75 20.85
CA PHE B 47 33.65 -9.12 20.47
C PHE B 47 34.90 -9.86 20.06
N GLU B 48 36.08 -9.25 20.28
CA GLU B 48 37.35 -9.87 19.93
C GLU B 48 37.49 -11.22 20.63
N GLY B 49 37.97 -12.21 19.89
CA GLY B 49 38.08 -13.56 20.39
C GLY B 49 36.86 -14.44 20.11
N GLY B 50 35.72 -13.85 19.78
CA GLY B 50 34.51 -14.62 19.58
C GLY B 50 34.31 -15.07 18.15
N THR B 51 33.52 -16.13 18.01
CA THR B 51 33.13 -16.66 16.70
C THR B 51 31.61 -16.66 16.70
N PHE B 52 30.99 -16.00 15.72
CA PHE B 52 29.54 -15.81 15.75
C PHE B 52 28.88 -16.49 14.57
N LYS B 53 27.90 -17.35 14.85
CA LYS B 53 27.14 -18.05 13.82
C LYS B 53 25.90 -17.24 13.48
N LEU B 54 25.61 -17.11 12.19
CA LEU B 54 24.42 -16.44 11.68
C LEU B 54 23.81 -17.28 10.58
N GLU B 55 22.56 -16.97 10.23
CA GLU B 55 21.94 -17.60 9.07
C GLU B 55 21.31 -16.51 8.22
N LEU B 56 21.33 -16.75 6.90
CA LEU B 56 20.87 -15.78 5.90
C LEU B 56 19.99 -16.52 4.89
N PHE B 57 18.89 -15.89 4.48
CA PHE B 57 17.97 -16.53 3.56
C PHE B 57 17.53 -15.54 2.51
N LEU B 58 17.56 -15.95 1.24
CA LEU B 58 17.08 -15.09 0.15
C LEU B 58 15.62 -15.41 -0.15
N PRO B 59 14.68 -14.52 0.17
CA PRO B 59 13.27 -14.81 -0.09
C PRO B 59 12.96 -14.89 -1.58
N GLU B 60 11.74 -15.38 -1.86
CA GLU B 60 11.30 -15.55 -3.24
C GLU B 60 11.43 -14.26 -4.06
N GLU B 61 11.16 -13.11 -3.45
CA GLU B 61 11.17 -11.84 -4.16
C GLU B 61 12.58 -11.25 -4.32
N TYR B 62 13.61 -11.91 -3.79
CA TYR B 62 14.98 -11.40 -3.93
C TYR B 62 15.34 -11.31 -5.41
N PRO B 63 15.97 -10.21 -5.86
CA PRO B 63 16.54 -9.10 -5.10
C PRO B 63 15.65 -7.87 -4.92
N MET B 64 14.34 -7.92 -5.15
CA MET B 64 13.53 -6.75 -4.80
C MET B 64 13.21 -6.67 -3.32
N ALA B 65 13.29 -7.78 -2.60
CA ALA B 65 13.18 -7.78 -1.15
C ALA B 65 14.52 -8.20 -0.56
N ALA B 66 14.78 -7.71 0.64
CA ALA B 66 16.08 -7.90 1.27
C ALA B 66 16.28 -9.35 1.69
N PRO B 67 17.53 -9.81 1.80
CA PRO B 67 17.78 -11.07 2.49
C PRO B 67 17.25 -10.96 3.92
N LYS B 68 16.87 -12.11 4.47
CA LYS B 68 16.58 -12.24 5.89
C LYS B 68 17.85 -12.71 6.58
N VAL B 69 18.18 -12.11 7.73
CA VAL B 69 19.40 -12.50 8.42
C VAL B 69 19.16 -12.51 9.92
N ARG B 70 19.74 -13.48 10.63
CA ARG B 70 19.67 -13.41 12.08
C ARG B 70 20.92 -14.02 12.71
N PHE B 71 21.29 -13.52 13.91
CA PHE B 71 22.31 -14.18 14.71
C PHE B 71 21.75 -15.46 15.32
N MET B 72 22.51 -16.55 15.24
CA MET B 72 22.16 -17.69 16.08
C MET B 72 22.94 -17.73 17.38
N THR B 73 24.19 -17.29 17.38
CA THR B 73 24.96 -17.11 18.61
C THR B 73 24.40 -15.97 19.41
C22 A1EJS B 74 18.88 -12.89 23.91
C25 A1EJS B 74 19.34 -13.98 21.59
C30 A1EJS B 74 20.33 -13.09 21.22
C29 A1EJS B 74 20.89 -13.22 19.95
C28 A1EJS B 74 20.51 -14.20 19.06
C27 A1EJS B 74 19.50 -15.08 19.43
C26 A1EJS B 74 18.95 -14.95 20.69
C18 A1EJS B 74 18.50 -12.17 26.17
C17 A1EJS B 74 18.37 -13.12 25.18
O15 A1EJS B 74 16.92 -17.39 26.63
O14 A1EJS B 74 20.07 -18.13 27.05
C13 A1EJS B 74 18.36 -15.39 26.24
C10 A1EJS B 74 19.78 -15.68 26.69
CE A1EJS B 74 21.98 -14.54 26.28
CD A1EJS B 74 22.39 -15.66 25.34
CG A1EJS B 74 22.56 -15.03 23.95
CB A1EJS B 74 23.65 -15.69 23.11
CA A1EJS B 74 23.84 -15.02 21.74
C A1EJS B 74 25.00 -14.03 21.78
C11 A1EJS B 74 19.44 -17.15 26.83
C12 A1EJS B 74 17.96 -16.81 26.59
C20 A1EJS B 74 19.56 -10.85 24.62
C31 A1EJS B 74 17.86 -15.95 20.99
C34 A1EJS B 74 16.03 -17.16 20.08
C35 A1EJS B 74 20.17 -8.58 25.33
C36 A1EJS B 74 18.96 -7.65 25.22
C37 A1EJS B 74 18.34 -7.26 26.40
C38 A1EJS B 74 17.26 -6.39 26.34
C39 A1EJS B 74 16.79 -5.93 25.12
C40 A1EJS B 74 17.41 -6.33 23.94
C41 A1EJS B 74 18.50 -7.20 24.00
C42 A1EJS B 74 16.90 -5.79 22.60
C44 A1EJS B 74 15.59 -5.19 21.01
C45 A1EJS B 74 16.90 -4.86 20.67
C47 A1EJS B 74 19.11 -5.06 21.72
F48 A1EJS B 74 21.84 -12.35 19.58
NZ A1EJS B 74 20.88 -14.87 27.16
N A1EJS B 74 24.18 -16.08 20.82
N16 A1EJS B 74 17.72 -14.38 25.44
N19 A1EJS B 74 19.10 -11.03 25.85
N21 A1EJS B 74 19.46 -11.75 23.66
N23 A1EJS B 74 20.20 -9.61 24.31
N24 A1EJS B 74 18.71 -13.94 22.91
N43 A1EJS B 74 15.63 -5.76 22.22
N46 A1EJS B 74 17.67 -5.24 21.67
O A1EJS B 74 26.12 -14.40 21.88
O32 A1EJS B 74 17.26 -16.51 19.85
O33 A1EJS B 74 17.53 -16.19 22.10
H301 A1EJS B 74 20.67 -12.31 21.90
H281 A1EJS B 74 20.98 -14.27 18.09
H271 A1EJS B 74 19.17 -15.85 18.74
H181 A1EJS B 74 18.13 -12.34 27.17
HE2 A1EJS B 74 21.69 -13.67 25.67
HE3 A1EJS B 74 22.83 -14.27 26.89
HD3 A1EJS B 74 23.32 -16.11 25.67
HD2 A1EJS B 74 21.63 -16.43 25.31
HG2 A1EJS B 74 22.82 -13.99 24.08
HG3 A1EJS B 74 21.62 -15.11 23.43
HB2 A1EJS B 74 24.58 -15.66 23.65
HB3 A1EJS B 74 23.37 -16.73 22.95
HA A1EJS B 74 22.94 -14.49 21.45
H341 A1EJS B 74 15.45 -17.19 19.16
H343 A1EJS B 74 15.48 -16.61 20.84
H342 A1EJS B 74 16.21 -18.16 20.42
H352 A1EJS B 74 21.07 -7.97 25.23
H351 A1EJS B 74 20.17 -9.06 26.31
H371 A1EJS B 74 18.69 -7.63 27.36
H381 A1EJS B 74 16.78 -6.07 27.26
H391 A1EJS B 74 15.95 -5.26 25.09
H411 A1EJS B 74 18.98 -7.50 23.08
H441 A1EJS B 74 14.70 -5.03 20.42
H451 A1EJS B 74 17.21 -4.37 19.76
H472 A1EJS B 74 19.43 -4.50 20.84
H473 A1EJS B 74 19.38 -4.50 22.61
H471 A1EJS B 74 19.60 -6.03 21.74
HZ1 A1EJS B 74 20.87 -14.53 28.10
H A1EJS B 74 25.01 -16.54 21.15
H161 A1EJS B 74 16.81 -14.55 25.07
H231 A1EJS B 74 20.65 -9.46 23.44
H241 A1EJS B 74 18.08 -14.69 23.14
N ILE B 75 24.40 -12.76 21.57
CA ILE B 75 25.33 -11.63 21.56
C ILE B 75 24.65 -10.46 22.26
N TYR B 76 25.44 -9.57 22.89
CA TYR B 76 24.92 -8.40 23.57
C TYR B 76 25.29 -7.17 22.72
N HIS B 77 24.30 -6.60 22.03
CA HIS B 77 24.60 -5.59 21.00
C HIS B 77 23.38 -4.73 20.81
N PRO B 78 23.52 -3.41 20.68
CA PRO B 78 22.33 -2.55 20.56
C PRO B 78 21.47 -2.85 19.36
N ASN B 79 22.01 -3.47 18.31
CA ASN B 79 21.23 -3.72 17.10
C ASN B 79 20.71 -5.14 16.99
N VAL B 80 20.82 -5.96 18.03
CA VAL B 80 20.42 -7.36 17.92
C VAL B 80 19.45 -7.70 19.03
N ASP B 81 18.24 -8.11 18.66
CA ASP B 81 17.19 -8.31 19.64
C ASP B 81 17.25 -9.74 20.23
N LYS B 82 16.31 -10.06 21.11
CA LYS B 82 16.43 -11.32 21.83
C LYS B 82 16.15 -12.53 20.98
N LEU B 83 15.71 -12.35 19.74
CA LEU B 83 15.54 -13.45 18.81
C LEU B 83 16.65 -13.48 17.77
N GLY B 84 17.66 -12.63 17.92
CA GLY B 84 18.73 -12.55 16.95
C GLY B 84 18.46 -11.67 15.75
N ARG B 85 17.29 -11.03 15.67
CA ARG B 85 17.00 -10.20 14.52
C ARG B 85 17.83 -8.92 14.60
N ILE B 86 18.20 -8.41 13.43
CA ILE B 86 19.22 -7.37 13.30
C ILE B 86 18.56 -6.08 12.86
N CYS B 87 18.71 -5.03 13.67
CA CYS B 87 18.23 -3.69 13.31
C CYS B 87 19.21 -3.03 12.39
N LEU B 88 18.97 -3.19 11.08
CA LEU B 88 19.79 -2.63 10.03
C LEU B 88 18.84 -2.18 8.94
N ASP B 89 18.95 -0.91 8.53
CA ASP B 89 17.93 -0.37 7.65
C ASP B 89 17.92 -1.05 6.28
N ILE B 90 19.08 -1.49 5.78
CA ILE B 90 19.09 -2.16 4.49
C ILE B 90 18.49 -3.56 4.53
N LEU B 91 18.13 -4.08 5.72
CA LEU B 91 17.38 -5.33 5.79
C LEU B 91 15.89 -5.07 5.74
N LYS B 92 15.50 -3.80 5.70
CA LYS B 92 14.10 -3.41 5.66
C LYS B 92 13.89 -2.41 4.53
N ASP B 93 13.51 -1.18 4.87
CA ASP B 93 13.05 -0.27 3.83
C ASP B 93 14.17 0.31 3.01
N LYS B 94 15.41 0.30 3.50
CA LYS B 94 16.51 0.86 2.72
C LYS B 94 17.19 -0.18 1.83
N TRP B 95 16.64 -1.39 1.72
CA TRP B 95 17.12 -2.33 0.72
C TRP B 95 16.81 -1.80 -0.68
N SER B 96 17.69 -2.13 -1.64
CA SER B 96 17.42 -1.92 -3.05
C SER B 96 18.13 -3.00 -3.83
N PRO B 97 17.63 -3.36 -5.03
CA PRO B 97 18.27 -4.44 -5.80
C PRO B 97 19.68 -4.12 -6.18
N ALA B 98 20.09 -2.86 -6.08
CA ALA B 98 21.47 -2.50 -6.37
C ALA B 98 22.44 -3.03 -5.30
N LEU B 99 21.96 -3.29 -4.09
CA LEU B 99 22.83 -3.82 -3.04
C LEU B 99 22.99 -5.32 -3.24
N GLN B 100 23.91 -5.91 -2.46
CA GLN B 100 24.11 -7.35 -2.62
C GLN B 100 24.37 -8.00 -1.28
N ILE B 101 24.39 -9.33 -1.32
CA ILE B 101 24.66 -10.12 -0.11
C ILE B 101 25.95 -9.65 0.54
N ARG B 102 26.99 -9.41 -0.28
CA ARG B 102 28.28 -9.02 0.27
C ARG B 102 28.14 -7.78 1.14
N THR B 103 27.31 -6.82 0.73
CA THR B 103 27.14 -5.59 1.50
C THR B 103 26.45 -5.86 2.83
N VAL B 104 25.50 -6.80 2.87
CA VAL B 104 24.85 -7.17 4.13
C VAL B 104 25.87 -7.80 5.08
N LEU B 105 26.69 -8.71 4.56
CA LEU B 105 27.72 -9.35 5.40
C LEU B 105 28.70 -8.30 5.93
N LEU B 106 29.20 -7.43 5.05
CA LEU B 106 30.11 -6.38 5.51
C LEU B 106 29.45 -5.48 6.53
N SER B 107 28.15 -5.18 6.36
CA SER B 107 27.45 -4.32 7.31
C SER B 107 27.38 -4.96 8.68
N ILE B 108 27.12 -6.27 8.75
CA ILE B 108 27.05 -6.90 10.07
C ILE B 108 28.43 -6.91 10.74
N GLN B 109 29.47 -7.22 9.96
CA GLN B 109 30.83 -7.14 10.51
C GLN B 109 31.11 -5.74 11.04
N ALA B 110 30.64 -4.71 10.32
CA ALA B 110 30.82 -3.34 10.74
C ALA B 110 30.06 -3.02 12.02
N LEU B 111 28.85 -3.58 12.17
CA LEU B 111 28.11 -3.42 13.43
C LEU B 111 28.91 -3.96 14.60
N LEU B 112 29.53 -5.13 14.43
CA LEU B 112 30.32 -5.69 15.53
C LEU B 112 31.60 -4.87 15.79
N SER B 113 32.22 -4.33 14.75
CA SER B 113 33.48 -3.62 14.92
C SER B 113 33.36 -2.39 15.81
N ALA B 114 32.27 -1.61 15.66
CA ALA B 114 32.10 -0.37 16.42
C ALA B 114 30.63 -0.15 16.72
N PRO B 115 30.10 -0.85 17.73
CA PRO B 115 28.67 -0.73 18.05
C PRO B 115 28.27 0.73 18.24
N ASN B 116 27.12 1.09 17.70
CA ASN B 116 26.62 2.47 17.72
C ASN B 116 25.20 2.50 18.26
N PRO B 117 25.00 2.91 19.52
CA PRO B 117 23.66 2.82 20.12
C PRO B 117 22.73 3.94 19.70
N ASP B 118 23.15 4.80 18.77
CA ASP B 118 22.19 5.73 18.20
C ASP B 118 21.39 5.09 17.06
N ASP B 119 22.01 4.14 16.32
CA ASP B 119 21.39 3.45 15.19
C ASP B 119 19.97 2.97 15.49
N PRO B 120 19.79 2.07 16.48
CA PRO B 120 18.45 1.52 16.74
C PRO B 120 17.61 2.41 17.65
N ALA B 122 15.65 2.52 20.03
CA ALA B 122 15.40 2.54 21.47
C ALA B 122 15.18 1.13 22.01
N ASN B 123 16.07 0.71 22.90
CA ASN B 123 15.99 -0.59 23.56
C ASN B 123 16.95 -0.57 24.74
N ASP B 124 16.79 -1.57 25.63
CA ASP B 124 17.52 -1.63 26.89
C ASP B 124 19.03 -1.59 26.67
N VAL B 125 19.52 -2.29 25.64
CA VAL B 125 20.97 -2.37 25.43
C VAL B 125 21.50 -1.03 24.93
N ALA B 126 20.83 -0.42 23.96
CA ALA B 126 21.24 0.89 23.49
C ALA B 126 21.20 1.93 24.63
N GLU B 127 20.17 1.88 25.47
CA GLU B 127 20.10 2.81 26.59
C GLU B 127 21.25 2.57 27.57
N GLN B 128 21.55 1.30 27.86
CA GLN B 128 22.68 1.03 28.74
C GLN B 128 23.99 1.49 28.10
N TRP B 129 24.11 1.35 26.78
CA TRP B 129 25.33 1.75 26.10
C TRP B 129 25.51 3.28 26.12
N LYS B 130 24.40 4.03 26.09
CA LYS B 130 24.48 5.48 26.18
C LYS B 130 24.71 5.96 27.62
N THR B 131 24.05 5.34 28.60
CA THR B 131 24.14 5.84 29.98
C THR B 131 25.34 5.32 30.74
N ASN B 132 25.78 4.09 30.46
CA ASN B 132 26.86 3.44 31.19
C ASN B 132 27.69 2.65 30.15
N GLU B 133 28.41 3.39 29.30
CA GLU B 133 29.11 2.77 28.17
C GLU B 133 30.13 1.73 28.65
N ALA B 134 30.89 2.04 29.71
CA ALA B 134 31.92 1.10 30.17
C ALA B 134 31.28 -0.22 30.61
N GLN B 135 30.15 -0.16 31.32
CA GLN B 135 29.48 -1.39 31.72
C GLN B 135 28.93 -2.16 30.52
N ALA B 136 28.36 -1.44 29.54
CA ALA B 136 27.83 -2.10 28.36
C ALA B 136 28.92 -2.85 27.61
N ILE B 137 30.08 -2.19 27.42
CA ILE B 137 31.21 -2.86 26.80
C ILE B 137 31.65 -4.07 27.61
N GLU B 138 31.69 -3.94 28.96
CA GLU B 138 32.08 -5.10 29.78
C GLU B 138 31.12 -6.26 29.57
N THR B 139 29.82 -5.98 29.55
CA THR B 139 28.84 -7.03 29.34
C THR B 139 29.00 -7.67 27.96
N ALA B 140 29.26 -6.84 26.94
CA ALA B 140 29.42 -7.39 25.60
C ALA B 140 30.62 -8.34 25.55
N ARG B 141 31.73 -7.97 26.22
CA ARG B 141 32.88 -8.87 26.28
C ARG B 141 32.54 -10.14 27.06
N ALA B 142 31.81 -9.99 28.17
CA ALA B 142 31.46 -11.13 29.00
C ALA B 142 30.60 -12.13 28.25
N TRP B 143 29.61 -11.64 27.48
CA TRP B 143 28.78 -12.53 26.67
C TRP B 143 29.57 -13.12 25.51
N THR B 144 30.56 -12.39 24.98
CA THR B 144 31.47 -13.01 24.02
C THR B 144 32.16 -14.23 24.64
N ARG B 145 32.71 -14.06 25.83
CA ARG B 145 33.34 -15.20 26.51
C ARG B 145 32.34 -16.32 26.79
N LEU B 146 31.13 -15.98 27.25
CA LEU B 146 30.18 -17.01 27.70
C LEU B 146 29.62 -17.81 26.54
N TYR B 147 29.31 -17.14 25.44
CA TYR B 147 28.53 -17.77 24.38
C TYR B 147 29.27 -17.92 23.07
N ALA B 148 30.34 -17.15 22.83
CA ALA B 148 30.98 -17.16 21.53
C ALA B 148 32.40 -17.72 21.51
N MET B 149 32.86 -18.35 22.59
CA MET B 149 34.21 -18.90 22.52
C MET B 149 34.28 -20.33 22.99
N ASN B 150 33.34 -21.14 22.56
CA ASN B 150 33.41 -22.57 22.87
C ASN B 150 34.34 -23.28 21.91
N VAL C 7 -20.35 -3.45 -19.75
CA VAL C 7 -20.40 -4.45 -18.70
C VAL C 7 -19.01 -4.95 -18.39
N LYS C 8 -18.79 -5.31 -17.12
CA LYS C 8 -17.48 -5.73 -16.66
C LYS C 8 -17.12 -7.11 -17.19
N VAL C 9 -15.90 -7.24 -17.71
CA VAL C 9 -15.43 -8.52 -18.23
C VAL C 9 -15.11 -9.44 -17.06
N PRO C 10 -15.57 -10.72 -17.06
CA PRO C 10 -15.21 -11.63 -15.96
C PRO C 10 -13.75 -12.06 -16.04
N ARG C 11 -12.96 -11.56 -15.09
CA ARG C 11 -11.50 -11.68 -15.14
C ARG C 11 -11.04 -13.13 -15.31
N ASN C 12 -11.58 -14.06 -14.50
CA ASN C 12 -10.97 -15.38 -14.46
C ASN C 12 -11.26 -16.19 -15.72
N PHE C 13 -12.45 -16.01 -16.30
CA PHE C 13 -12.79 -16.69 -17.56
C PHE C 13 -11.96 -16.12 -18.72
N ARG C 14 -11.78 -14.79 -18.73
N ARG C 14 -11.75 -14.80 -18.71
CA ARG C 14 -10.89 -14.20 -19.73
CA ARG C 14 -10.92 -14.20 -19.74
C ARG C 14 -9.49 -14.75 -19.62
C ARG C 14 -9.48 -14.70 -19.63
N LEU C 15 -8.96 -14.80 -18.40
CA LEU C 15 -7.59 -15.26 -18.23
C LEU C 15 -7.44 -16.72 -18.62
N LEU C 16 -8.48 -17.55 -18.40
CA LEU C 16 -8.40 -18.93 -18.88
C LEU C 16 -8.35 -18.98 -20.40
N GLU C 17 -9.10 -18.11 -21.07
CA GLU C 17 -9.00 -18.01 -22.53
C GLU C 17 -7.60 -17.60 -22.97
N GLU C 18 -7.02 -16.60 -22.30
CA GLU C 18 -5.67 -16.17 -22.68
C GLU C 18 -4.64 -17.27 -22.40
N LEU C 19 -4.86 -18.04 -21.33
CA LEU C 19 -3.98 -19.16 -21.05
C LEU C 19 -4.02 -20.18 -22.18
N GLU C 20 -5.22 -20.56 -22.62
CA GLU C 20 -5.32 -21.55 -23.69
C GLU C 20 -4.71 -21.02 -24.99
N GLU C 21 -4.95 -19.74 -25.32
CA GLU C 21 -4.37 -19.16 -26.53
C GLU C 21 -2.84 -19.14 -26.47
N GLY C 22 -2.30 -18.75 -25.31
CA GLY C 22 -0.85 -18.73 -25.18
C GLY C 22 -0.24 -20.12 -25.30
N GLN C 23 -0.96 -21.13 -24.82
CA GLN C 23 -0.44 -22.50 -24.93
C GLN C 23 -0.49 -22.99 -26.38
N LYS C 24 -1.51 -22.57 -27.14
CA LYS C 24 -1.59 -22.94 -28.54
C LYS C 24 -0.40 -22.36 -29.31
N GLY C 25 -0.11 -21.07 -29.10
CA GLY C 25 0.97 -20.40 -29.77
C GLY C 25 0.89 -20.57 -31.28
N VAL C 26 -0.24 -20.13 -31.85
CA VAL C 26 -0.51 -20.37 -33.27
C VAL C 26 0.34 -19.48 -34.18
N GLY C 27 0.93 -18.40 -33.67
CA GLY C 27 1.63 -17.44 -34.51
C GLY C 27 2.98 -17.93 -35.01
N ASP C 28 3.74 -16.97 -35.57
CA ASP C 28 5.08 -17.24 -36.06
C ASP C 28 6.10 -17.28 -34.92
N GLY C 29 5.63 -17.20 -33.68
CA GLY C 29 6.47 -17.30 -32.51
C GLY C 29 7.12 -16.01 -32.05
N THR C 30 6.83 -14.87 -32.68
CA THR C 30 7.56 -13.66 -32.34
C THR C 30 7.01 -12.97 -31.09
N VAL C 31 5.79 -13.30 -30.64
CA VAL C 31 5.38 -12.97 -29.28
C VAL C 31 4.77 -14.22 -28.66
N SER C 32 5.01 -14.39 -27.37
N SER C 32 5.01 -14.38 -27.37
CA SER C 32 4.45 -15.53 -26.64
CA SER C 32 4.47 -15.53 -26.63
C SER C 32 4.21 -15.12 -25.19
C SER C 32 4.24 -15.13 -25.19
N TRP C 33 3.34 -15.87 -24.51
CA TRP C 33 2.99 -15.54 -23.13
C TRP C 33 2.48 -16.80 -22.42
N GLY C 34 2.59 -16.78 -21.09
CA GLY C 34 2.08 -17.91 -20.31
C GLY C 34 2.10 -17.60 -18.82
N LEU C 35 1.51 -18.49 -18.03
CA LEU C 35 1.58 -18.31 -16.58
C LEU C 35 3.01 -18.47 -16.09
N GLU C 36 3.38 -17.66 -15.09
CA GLU C 36 4.74 -17.74 -14.58
C GLU C 36 4.94 -18.95 -13.71
N ASP C 37 3.91 -19.34 -12.97
CA ASP C 37 3.96 -20.43 -12.01
C ASP C 37 2.85 -21.42 -12.28
N ASP C 38 2.92 -22.53 -11.54
N ASP C 38 2.90 -22.53 -11.55
CA ASP C 38 1.81 -23.46 -11.42
CA ASP C 38 1.79 -23.45 -11.42
C ASP C 38 1.12 -23.32 -10.07
C ASP C 38 1.12 -23.32 -10.06
N GLU C 39 1.63 -22.45 -9.19
CA GLU C 39 1.17 -22.33 -7.81
C GLU C 39 0.47 -21.00 -7.52
N ASP C 40 0.30 -20.14 -8.52
CA ASP C 40 -0.44 -18.90 -8.32
C ASP C 40 -1.88 -19.14 -8.74
N MET C 41 -2.74 -19.45 -7.75
CA MET C 41 -4.15 -19.69 -8.05
C MET C 41 -4.87 -18.43 -8.53
N THR C 42 -4.31 -17.24 -8.29
CA THR C 42 -5.02 -16.03 -8.69
C THR C 42 -4.80 -15.68 -10.15
N LEU C 43 -4.01 -16.46 -10.89
CA LEU C 43 -3.72 -16.22 -12.31
C LEU C 43 -3.16 -14.83 -12.54
N THR C 44 -2.39 -14.32 -11.59
CA THR C 44 -1.92 -12.94 -11.64
C THR C 44 -0.60 -12.78 -12.39
N ARG C 45 0.35 -13.69 -12.19
CA ARG C 45 1.72 -13.52 -12.69
C ARG C 45 1.95 -14.31 -13.96
N TRP C 46 2.27 -13.58 -15.03
CA TRP C 46 2.49 -14.10 -16.35
C TRP C 46 3.89 -13.74 -16.81
N THR C 47 4.40 -14.51 -17.75
CA THR C 47 5.61 -14.17 -18.48
C THR C 47 5.23 -13.82 -19.90
N GLY C 48 6.10 -13.02 -20.52
CA GLY C 48 5.98 -12.75 -21.94
C GLY C 48 7.35 -12.78 -22.61
N MET C 49 7.32 -13.04 -23.91
CA MET C 49 8.51 -13.06 -24.76
C MET C 49 8.22 -12.28 -26.03
N ILE C 50 9.15 -11.39 -26.42
CA ILE C 50 9.07 -10.65 -27.68
C ILE C 50 10.36 -10.89 -28.44
N ILE C 51 10.27 -11.23 -29.72
CA ILE C 51 11.46 -11.25 -30.56
C ILE C 51 11.60 -9.91 -31.26
N GLY C 52 12.76 -9.28 -31.12
CA GLY C 52 12.95 -7.97 -31.72
C GLY C 52 12.68 -8.01 -33.22
N PRO C 53 12.00 -6.99 -33.75
CA PRO C 53 11.56 -7.03 -35.16
C PRO C 53 12.70 -6.71 -36.13
N PRO C 54 12.59 -7.20 -37.37
CA PRO C 54 13.67 -7.00 -38.34
C PRO C 54 13.87 -5.54 -38.74
N ARG C 55 15.07 -5.24 -39.23
CA ARG C 55 15.42 -3.90 -39.71
C ARG C 55 15.25 -2.84 -38.61
N THR C 56 15.60 -3.22 -37.38
CA THR C 56 15.69 -2.31 -36.24
C THR C 56 16.88 -2.76 -35.41
N ASN C 57 17.32 -1.90 -34.47
CA ASN C 57 18.41 -2.29 -33.60
C ASN C 57 18.01 -3.38 -32.62
N TYR C 58 16.72 -3.73 -32.56
CA TYR C 58 16.26 -4.80 -31.70
C TYR C 58 16.27 -6.17 -32.38
N GLU C 59 16.61 -6.23 -33.66
CA GLU C 59 16.25 -7.39 -34.47
C GLU C 59 16.87 -8.69 -33.97
N ASN C 60 16.02 -9.71 -33.80
CA ASN C 60 16.36 -11.07 -33.41
C ASN C 60 16.79 -11.21 -31.95
N ARG C 61 16.78 -10.14 -31.15
CA ARG C 61 17.00 -10.30 -29.73
C ARG C 61 15.76 -10.88 -29.06
N ILE C 62 15.96 -11.76 -28.08
CA ILE C 62 14.87 -12.34 -27.28
C ILE C 62 14.69 -11.53 -26.01
N TYR C 63 13.53 -10.86 -25.89
CA TYR C 63 13.18 -10.10 -24.71
C TYR C 63 12.24 -10.93 -23.84
N SER C 64 12.63 -11.13 -22.58
CA SER C 64 11.75 -11.69 -21.55
C SER C 64 11.12 -10.58 -20.73
N LEU C 65 9.83 -10.75 -20.43
CA LEU C 65 9.06 -9.80 -19.66
C LEU C 65 8.26 -10.51 -18.58
N LYS C 66 7.85 -9.73 -17.57
CA LYS C 66 6.85 -10.14 -16.59
C LYS C 66 5.61 -9.25 -16.71
N VAL C 67 4.44 -9.89 -16.70
CA VAL C 67 3.17 -9.19 -16.86
C VAL C 67 2.28 -9.57 -15.68
N GLU C 68 1.72 -8.57 -15.02
CA GLU C 68 0.88 -8.77 -13.84
C GLU C 68 -0.54 -8.38 -14.17
N CYS C 69 -1.46 -9.34 -14.07
CA CYS C 69 -2.89 -9.12 -14.29
C CYS C 69 -3.53 -9.04 -12.91
N GLY C 70 -3.78 -7.80 -12.44
CA GLY C 70 -4.28 -7.57 -11.11
C GLY C 70 -5.77 -7.84 -10.99
N PRO C 71 -6.31 -7.58 -9.79
CA PRO C 71 -7.72 -7.92 -9.52
C PRO C 71 -8.72 -7.24 -10.44
N LYS C 72 -8.37 -6.11 -11.06
CA LYS C 72 -9.30 -5.38 -11.91
C LYS C 72 -9.08 -5.63 -13.38
N TYR C 73 -8.13 -6.49 -13.73
CA TYR C 73 -7.92 -6.86 -15.11
C TYR C 73 -9.12 -7.65 -15.62
N PRO C 74 -9.54 -7.44 -16.87
CA PRO C 74 -9.02 -6.47 -17.85
C PRO C 74 -9.78 -5.15 -17.87
N GLU C 75 -10.54 -4.79 -16.82
CA GLU C 75 -11.07 -3.44 -16.78
C GLU C 75 -9.94 -2.42 -16.67
N ALA C 76 -8.89 -2.76 -15.92
CA ALA C 76 -7.66 -2.01 -15.81
C ALA C 76 -6.55 -2.72 -16.55
N PRO C 77 -5.54 -2.00 -17.03
CA PRO C 77 -4.45 -2.63 -17.76
C PRO C 77 -3.56 -3.45 -16.86
N PRO C 78 -2.81 -4.38 -17.42
CA PRO C 78 -1.79 -5.11 -16.67
C PRO C 78 -0.56 -4.24 -16.45
N SER C 79 0.23 -4.61 -15.45
CA SER C 79 1.54 -3.99 -15.30
C SER C 79 2.57 -4.80 -16.06
N VAL C 80 3.55 -4.13 -16.67
CA VAL C 80 4.51 -4.81 -17.52
C VAL C 80 5.93 -4.39 -17.16
N ARG C 81 6.84 -5.36 -17.11
CA ARG C 81 8.24 -5.03 -16.84
C ARG C 81 9.14 -5.88 -17.73
N PHE C 82 10.13 -5.26 -18.38
CA PHE C 82 11.16 -6.00 -19.09
C PHE C 82 12.17 -6.56 -18.10
N VAL C 83 12.50 -7.84 -18.25
CA VAL C 83 13.63 -8.45 -17.55
C VAL C 83 14.92 -8.22 -18.33
N THR C 84 14.86 -8.51 -19.62
CA THR C 84 15.93 -8.24 -20.56
C THR C 84 16.09 -6.73 -20.78
N LYS C 85 17.32 -6.25 -20.74
CA LYS C 85 17.54 -4.81 -20.85
C LYS C 85 17.18 -4.32 -22.25
N ILE C 86 16.51 -3.18 -22.33
CA ILE C 86 16.13 -2.62 -23.62
C ILE C 86 16.13 -1.10 -23.49
N ASN C 87 16.67 -0.42 -24.48
CA ASN C 87 16.59 1.03 -24.57
C ASN C 87 15.42 1.37 -25.50
N MET C 88 14.35 1.92 -24.93
CA MET C 88 13.15 2.14 -25.74
C MET C 88 12.26 3.10 -24.96
N ASN C 89 11.60 4.02 -25.68
N ASN C 89 11.57 4.01 -25.68
CA ASN C 89 10.76 5.00 -25.01
CA ASN C 89 10.76 5.01 -24.98
C ASN C 89 9.72 4.33 -24.11
C ASN C 89 9.73 4.32 -24.08
N GLY C 90 9.64 4.78 -22.84
CA GLY C 90 8.67 4.29 -21.89
C GLY C 90 9.18 3.19 -20.97
N ILE C 91 10.41 2.70 -21.20
CA ILE C 91 10.99 1.63 -20.39
C ILE C 91 12.08 2.23 -19.50
N ASN C 92 11.89 2.12 -18.19
CA ASN C 92 12.87 2.66 -17.23
C ASN C 92 14.21 1.93 -17.37
N ASN C 93 15.30 2.70 -17.51
CA ASN C 93 16.58 2.06 -17.85
C ASN C 93 17.31 1.50 -16.64
N SER C 94 16.71 1.52 -15.43
CA SER C 94 17.27 0.78 -14.31
C SER C 94 16.35 -0.31 -13.76
N SER C 95 15.03 -0.17 -13.92
CA SER C 95 14.09 -1.16 -13.41
C SER C 95 13.45 -2.03 -14.47
N GLY C 96 13.45 -1.60 -15.72
CA GLY C 96 12.71 -2.25 -16.77
C GLY C 96 11.21 -2.02 -16.75
N MET C 97 10.70 -1.23 -15.81
N MET C 97 10.70 -1.23 -15.81
CA MET C 97 9.26 -1.03 -15.74
CA MET C 97 9.26 -1.03 -15.72
C MET C 97 8.76 -0.22 -16.91
C MET C 97 8.75 -0.23 -16.91
N VAL C 98 7.61 -0.64 -17.44
CA VAL C 98 6.98 0.04 -18.56
C VAL C 98 6.05 1.11 -17.99
N ASP C 99 6.28 2.35 -18.41
CA ASP C 99 5.43 3.46 -18.01
C ASP C 99 4.17 3.45 -18.88
N ALA C 100 3.03 3.11 -18.28
CA ALA C 100 1.77 3.02 -19.01
C ALA C 100 1.44 4.31 -19.75
N ARG C 101 1.79 5.47 -19.17
CA ARG C 101 1.52 6.74 -19.86
C ARG C 101 2.19 6.83 -21.22
N SER C 102 3.29 6.11 -21.44
CA SER C 102 4.09 6.21 -22.64
C SER C 102 3.69 5.23 -23.73
N ILE C 103 2.88 4.21 -23.41
CA ILE C 103 2.50 3.17 -24.37
C ILE C 103 1.01 3.31 -24.65
N PRO C 104 0.60 3.72 -25.86
CA PRO C 104 -0.83 4.04 -26.07
C PRO C 104 -1.81 2.93 -25.68
N VAL C 105 -1.52 1.66 -25.98
CA VAL C 105 -2.45 0.59 -25.62
C VAL C 105 -2.67 0.55 -24.11
N LEU C 106 -1.64 0.89 -23.32
CA LEU C 106 -1.82 0.90 -21.86
C LEU C 106 -2.45 2.21 -21.39
N ALA C 107 -2.00 3.33 -21.97
CA ALA C 107 -2.51 4.65 -21.58
C ALA C 107 -3.98 4.78 -21.91
N LYS C 108 -4.40 4.23 -23.06
N LYS C 108 -4.41 4.23 -23.05
CA LYS C 108 -5.79 4.24 -23.50
CA LYS C 108 -5.81 4.25 -23.46
C LYS C 108 -6.36 2.83 -23.45
C LYS C 108 -6.36 2.83 -23.45
N TRP C 109 -6.14 2.13 -22.34
CA TRP C 109 -6.54 0.73 -22.23
C TRP C 109 -8.04 0.54 -22.49
N GLN C 110 -8.40 -0.51 -23.23
N GLN C 110 -8.39 -0.51 -23.22
CA GLN C 110 -9.78 -0.94 -23.39
CA GLN C 110 -9.77 -0.96 -23.40
C GLN C 110 -9.89 -2.38 -22.89
C GLN C 110 -9.90 -2.40 -22.91
N ASN C 111 -11.07 -2.75 -22.38
CA ASN C 111 -11.20 -4.09 -21.79
C ASN C 111 -11.26 -5.20 -22.83
N SER C 112 -11.22 -4.86 -24.12
CA SER C 112 -11.03 -5.83 -25.18
C SER C 112 -9.56 -6.15 -25.46
N TYR C 113 -8.63 -5.38 -24.89
CA TYR C 113 -7.21 -5.71 -25.09
C TYR C 113 -6.82 -6.92 -24.22
N SER C 114 -5.58 -7.37 -24.38
CA SER C 114 -5.12 -8.65 -23.82
C SER C 114 -3.60 -8.60 -23.64
N ILE C 115 -3.05 -9.64 -23.00
CA ILE C 115 -1.59 -9.74 -22.89
C ILE C 115 -0.97 -9.79 -24.28
N LYS C 116 -1.54 -10.59 -25.17
CA LYS C 116 -1.01 -10.68 -26.53
C LYS C 116 -0.96 -9.29 -27.17
N VAL C 117 -2.04 -8.52 -27.01
CA VAL C 117 -2.11 -7.19 -27.63
C VAL C 117 -1.05 -6.27 -27.05
N VAL C 118 -0.81 -6.35 -25.73
CA VAL C 118 0.26 -5.55 -25.11
C VAL C 118 1.62 -5.91 -25.71
N LEU C 119 1.88 -7.21 -25.83
CA LEU C 119 3.19 -7.63 -26.33
C LEU C 119 3.37 -7.25 -27.80
N GLN C 120 2.31 -7.38 -28.61
CA GLN C 120 2.42 -6.97 -30.01
C GLN C 120 2.57 -5.45 -30.12
N GLU C 121 1.90 -4.69 -29.25
CA GLU C 121 2.06 -3.25 -29.23
C GLU C 121 3.52 -2.88 -28.98
N LEU C 122 4.13 -3.53 -27.98
CA LEU C 122 5.54 -3.23 -27.71
C LEU C 122 6.44 -3.61 -28.90
N ARG C 123 6.23 -4.80 -29.48
CA ARG C 123 7.03 -5.19 -30.63
C ARG C 123 6.88 -4.21 -31.79
N ARG C 124 5.67 -3.70 -32.01
CA ARG C 124 5.44 -2.79 -33.13
C ARG C 124 5.94 -1.38 -32.80
N LEU C 125 5.96 -0.99 -31.54
CA LEU C 125 6.61 0.27 -31.18
C LEU C 125 8.13 0.18 -31.33
N MET C 126 8.70 -1.02 -31.26
CA MET C 126 10.12 -1.19 -31.56
C MET C 126 10.43 -0.80 -33.01
N MET C 127 9.44 -0.85 -33.89
CA MET C 127 9.61 -0.46 -35.28
C MET C 127 9.46 1.04 -35.52
N SER C 128 9.08 1.83 -34.52
CA SER C 128 8.80 3.25 -34.75
C SER C 128 10.10 4.03 -35.00
N LYS C 129 9.96 5.18 -35.66
CA LYS C 129 11.16 5.96 -35.99
C LYS C 129 11.85 6.50 -34.75
N GLU C 130 11.11 6.77 -33.67
CA GLU C 130 11.76 7.21 -32.44
C GLU C 130 12.56 6.10 -31.75
N ASN C 131 12.20 4.82 -31.94
CA ASN C 131 12.85 3.74 -31.19
C ASN C 131 13.88 2.95 -31.99
N MET C 132 13.64 2.76 -33.29
CA MET C 132 14.34 1.70 -34.03
C MET C 132 15.84 1.93 -34.14
N LYS C 133 16.31 3.17 -33.99
CA LYS C 133 17.74 3.47 -34.08
C LYS C 133 18.38 3.73 -32.72
N LEU C 134 17.67 3.51 -31.62
CA LEU C 134 18.30 3.68 -30.31
C LEU C 134 19.42 2.65 -30.12
N PRO C 135 20.60 3.05 -29.66
CA PRO C 135 21.64 2.05 -29.33
C PRO C 135 21.16 1.11 -28.22
N GLN C 136 21.57 -0.16 -28.31
CA GLN C 136 21.12 -1.20 -27.40
C GLN C 136 22.24 -1.76 -26.53
N PRO C 137 21.91 -2.33 -25.37
CA PRO C 137 22.95 -2.93 -24.51
C PRO C 137 23.57 -4.15 -25.17
N PRO C 138 24.67 -4.67 -24.63
CA PRO C 138 25.15 -5.98 -25.08
C PRO C 138 24.05 -7.01 -25.01
N GLU C 139 24.02 -7.91 -26.00
CA GLU C 139 22.93 -8.89 -26.07
C GLU C 139 22.82 -9.71 -24.78
N GLY C 140 21.58 -9.82 -24.28
CA GLY C 140 21.31 -10.65 -23.12
C GLY C 140 21.42 -9.97 -21.76
N GLN C 141 21.92 -8.73 -21.68
CA GLN C 141 21.95 -8.06 -20.39
C GLN C 141 20.55 -7.98 -19.80
N THR C 142 20.46 -8.11 -18.48
CA THR C 142 19.21 -8.00 -17.73
C THR C 142 19.37 -6.94 -16.64
N TYR C 143 18.24 -6.44 -16.14
CA TYR C 143 18.25 -5.49 -15.03
C TYR C 143 18.50 -6.21 -13.72
N ASN C 144 19.09 -5.47 -12.77
CA ASN C 144 19.25 -6.01 -11.41
C ASN C 144 20.13 -7.25 -11.38
N VAL D 7 -51.06 -0.40 7.28
CA VAL D 7 -51.16 -1.44 8.31
C VAL D 7 -49.89 -1.48 9.17
N LYS D 8 -50.02 -1.11 10.44
CA LYS D 8 -48.91 -1.23 11.38
C LYS D 8 -48.62 -2.69 11.72
N VAL D 9 -47.39 -3.11 11.50
CA VAL D 9 -46.90 -4.42 11.93
C VAL D 9 -46.09 -4.23 13.21
N PRO D 10 -46.48 -4.84 14.33
CA PRO D 10 -45.71 -4.68 15.56
C PRO D 10 -44.30 -5.24 15.42
N ARG D 11 -43.39 -4.70 16.25
CA ARG D 11 -41.98 -5.06 16.21
C ARG D 11 -41.74 -6.55 16.06
N ASN D 12 -42.35 -7.36 16.95
CA ASN D 12 -42.00 -8.77 17.02
C ASN D 12 -42.36 -9.52 15.75
N PHE D 13 -43.37 -9.05 15.01
CA PHE D 13 -43.68 -9.65 13.73
C PHE D 13 -42.93 -8.97 12.57
N ARG D 14 -42.69 -7.67 12.67
CA ARG D 14 -41.92 -7.00 11.63
C ARG D 14 -40.53 -7.61 11.52
N LEU D 15 -39.87 -7.87 12.64
CA LEU D 15 -38.50 -8.35 12.59
C LEU D 15 -38.45 -9.80 12.11
N LEU D 16 -39.51 -10.59 12.34
CA LEU D 16 -39.55 -11.91 11.71
C LEU D 16 -39.72 -11.80 10.20
N GLU D 17 -40.48 -10.79 9.74
CA GLU D 17 -40.53 -10.55 8.29
C GLU D 17 -39.15 -10.19 7.75
N GLU D 18 -38.43 -9.32 8.46
CA GLU D 18 -37.10 -8.90 7.96
C GLU D 18 -36.12 -10.06 8.02
N LEU D 19 -36.29 -10.97 8.97
CA LEU D 19 -35.47 -12.18 9.00
C LEU D 19 -35.71 -13.04 7.75
N GLU D 20 -36.98 -13.29 7.41
CA GLU D 20 -37.24 -14.05 6.20
C GLU D 20 -36.77 -13.34 4.94
N GLU D 21 -36.95 -12.01 4.85
CA GLU D 21 -36.45 -11.30 3.67
C GLU D 21 -34.93 -11.38 3.57
N GLY D 22 -34.22 -11.29 4.70
CA GLY D 22 -32.77 -11.38 4.66
C GLY D 22 -32.30 -12.76 4.24
N GLN D 23 -33.00 -13.81 4.69
CA GLN D 23 -32.68 -15.15 4.21
C GLN D 23 -32.90 -15.26 2.71
N LYS D 24 -34.00 -14.70 2.20
CA LYS D 24 -34.22 -14.69 0.76
C LYS D 24 -33.17 -13.86 0.04
N GLY D 25 -32.76 -12.74 0.64
CA GLY D 25 -31.74 -11.87 0.09
C GLY D 25 -32.20 -10.98 -1.05
N VAL D 26 -31.43 -9.95 -1.38
CA VAL D 26 -31.68 -9.20 -2.60
C VAL D 26 -31.01 -9.91 -3.76
N GLY D 27 -31.43 -9.56 -4.97
CA GLY D 27 -31.06 -10.34 -6.15
C GLY D 27 -29.56 -10.52 -6.33
N ASP D 28 -28.80 -9.43 -6.23
CA ASP D 28 -27.42 -9.38 -6.68
C ASP D 28 -26.42 -9.40 -5.54
N GLY D 29 -26.89 -9.62 -4.31
CA GLY D 29 -26.02 -9.78 -3.18
C GLY D 29 -25.26 -8.54 -2.76
N THR D 30 -25.64 -7.37 -3.29
CA THR D 30 -24.89 -6.15 -2.98
C THR D 30 -25.11 -5.67 -1.54
N VAL D 31 -26.24 -5.99 -0.93
CA VAL D 31 -26.40 -5.84 0.51
C VAL D 31 -27.00 -7.12 1.06
N SER D 32 -26.72 -7.39 2.33
CA SER D 32 -27.26 -8.57 3.00
C SER D 32 -27.44 -8.25 4.49
N TRP D 33 -28.39 -8.94 5.13
CA TRP D 33 -28.53 -8.80 6.58
C TRP D 33 -29.03 -10.10 7.17
N GLY D 34 -28.82 -10.25 8.49
CA GLY D 34 -29.27 -11.44 9.20
C GLY D 34 -29.06 -11.26 10.69
N LEU D 35 -29.53 -12.24 11.47
CA LEU D 35 -29.36 -12.14 12.92
C LEU D 35 -27.92 -12.44 13.32
N GLU D 36 -27.43 -11.72 14.32
CA GLU D 36 -26.09 -12.05 14.82
C GLU D 36 -26.10 -13.41 15.50
N ASP D 37 -27.15 -13.70 16.25
CA ASP D 37 -27.37 -15.00 16.89
C ASP D 37 -28.75 -15.46 16.49
N ASP D 38 -28.82 -16.47 15.61
CA ASP D 38 -30.12 -16.90 15.08
C ASP D 38 -31.00 -17.57 16.13
N GLU D 39 -30.59 -17.60 17.40
CA GLU D 39 -31.46 -17.97 18.50
C GLU D 39 -31.77 -16.80 19.42
N ASP D 40 -31.46 -15.57 19.00
CA ASP D 40 -31.74 -14.36 19.79
C ASP D 40 -33.24 -14.06 19.73
N MET D 41 -33.97 -14.53 20.73
CA MET D 41 -35.40 -14.27 20.85
C MET D 41 -35.76 -12.79 20.74
N THR D 42 -34.90 -11.89 21.23
CA THR D 42 -35.26 -10.47 21.22
C THR D 42 -35.12 -9.84 19.84
N LEU D 43 -34.55 -10.56 18.88
CA LEU D 43 -34.36 -10.06 17.51
C LEU D 43 -33.68 -8.69 17.49
N THR D 44 -32.77 -8.46 18.43
CA THR D 44 -32.22 -7.12 18.58
C THR D 44 -30.95 -6.90 17.77
N ARG D 45 -30.01 -7.84 17.77
CA ARG D 45 -28.70 -7.63 17.16
C ARG D 45 -28.61 -8.34 15.81
N TRP D 46 -28.30 -7.56 14.76
CA TRP D 46 -28.20 -8.03 13.39
C TRP D 46 -26.82 -7.72 12.85
N THR D 47 -26.43 -8.49 11.85
CA THR D 47 -25.25 -8.22 11.04
C THR D 47 -25.70 -7.73 9.68
N GLY D 48 -24.90 -6.83 9.11
CA GLY D 48 -25.12 -6.37 7.75
C GLY D 48 -23.86 -6.48 6.93
N MET D 49 -24.05 -6.53 5.62
CA MET D 49 -22.99 -6.65 4.63
C MET D 49 -23.31 -5.73 3.46
N ILE D 50 -22.32 -4.90 3.08
CA ILE D 50 -22.41 -4.05 1.91
C ILE D 50 -21.20 -4.31 1.03
N ILE D 51 -21.44 -4.54 -0.25
CA ILE D 51 -20.34 -4.59 -1.22
C ILE D 51 -20.08 -3.17 -1.72
N GLY D 52 -18.83 -2.71 -1.60
CA GLY D 52 -18.49 -1.39 -2.10
C GLY D 52 -18.86 -1.20 -3.57
N PRO D 53 -19.48 -0.06 -3.90
CA PRO D 53 -20.01 0.13 -5.27
C PRO D 53 -18.90 0.36 -6.28
N PRO D 54 -19.18 0.09 -7.55
CA PRO D 54 -18.14 0.25 -8.58
C PRO D 54 -17.85 1.69 -8.90
N ARG D 55 -16.64 1.93 -9.40
CA ARG D 55 -16.20 3.27 -9.80
C ARG D 55 -16.15 4.22 -8.60
N THR D 56 -15.78 3.68 -7.45
CA THR D 56 -15.56 4.44 -6.23
C THR D 56 -14.34 3.84 -5.55
N ASN D 57 -13.79 4.58 -4.59
CA ASN D 57 -12.69 4.04 -3.81
C ASN D 57 -13.11 2.90 -2.88
N TYR D 58 -14.42 2.61 -2.77
CA TYR D 58 -14.87 1.46 -2.01
C TYR D 58 -14.99 0.20 -2.87
N GLU D 59 -14.84 0.35 -4.19
CA GLU D 59 -15.19 -0.68 -5.15
C GLU D 59 -14.70 -2.06 -4.72
N ASN D 60 -15.64 -3.00 -4.65
CA ASN D 60 -15.35 -4.43 -4.50
C ASN D 60 -15.09 -4.84 -3.05
N ARG D 61 -14.73 -3.89 -2.18
CA ARG D 61 -14.47 -4.25 -0.79
C ARG D 61 -15.75 -4.70 -0.10
N ILE D 62 -15.60 -5.68 0.80
CA ILE D 62 -16.70 -6.22 1.57
C ILE D 62 -16.73 -5.53 2.91
N TYR D 63 -17.84 -4.84 3.23
CA TYR D 63 -18.00 -4.15 4.51
C TYR D 63 -18.97 -4.92 5.39
N SER D 64 -18.52 -5.25 6.60
CA SER D 64 -19.34 -5.86 7.63
C SER D 64 -19.81 -4.80 8.62
N LEU D 65 -21.05 -4.93 9.06
CA LEU D 65 -21.70 -3.94 9.93
C LEU D 65 -22.47 -4.67 11.02
N LYS D 66 -22.75 -3.93 12.10
CA LYS D 66 -23.62 -4.37 13.19
C LYS D 66 -24.79 -3.39 13.28
N VAL D 67 -26.02 -3.93 13.34
CA VAL D 67 -27.24 -3.13 13.38
C VAL D 67 -28.05 -3.57 14.59
N GLU D 68 -28.52 -2.62 15.39
CA GLU D 68 -29.27 -2.91 16.60
C GLU D 68 -30.67 -2.34 16.47
N CYS D 69 -31.66 -3.21 16.61
CA CYS D 69 -33.08 -2.84 16.56
C CYS D 69 -33.59 -2.89 18.00
N GLY D 70 -33.71 -1.72 18.63
CA GLY D 70 -34.09 -1.63 20.01
C GLY D 70 -35.58 -1.91 20.25
N PRO D 71 -35.99 -1.76 21.52
CA PRO D 71 -37.35 -2.13 21.91
C PRO D 71 -38.44 -1.32 21.25
N LYS D 72 -38.12 -0.12 20.76
CA LYS D 72 -39.11 0.71 20.13
C LYS D 72 -39.01 0.73 18.61
N TYR D 73 -38.06 0.00 18.05
CA TYR D 73 -38.04 -0.22 16.61
C TYR D 73 -39.35 -0.88 16.18
N PRO D 74 -39.89 -0.56 14.99
CA PRO D 74 -39.41 0.40 13.98
C PRO D 74 -39.89 1.82 14.22
N GLU D 75 -40.53 2.12 15.37
CA GLU D 75 -40.86 3.52 15.64
C GLU D 75 -39.61 4.38 15.76
N ALA D 76 -38.59 3.86 16.43
CA ALA D 76 -37.28 4.46 16.59
C ALA D 76 -36.32 3.83 15.60
N PRO D 77 -35.39 4.61 15.06
CA PRO D 77 -34.43 4.07 14.10
C PRO D 77 -33.48 3.10 14.77
N PRO D 78 -32.88 2.21 13.99
CA PRO D 78 -31.86 1.31 14.55
C PRO D 78 -30.52 2.03 14.66
N SER D 79 -29.65 1.47 15.50
CA SER D 79 -28.26 1.88 15.61
C SER D 79 -27.42 1.11 14.60
N VAL D 80 -26.41 1.76 14.02
CA VAL D 80 -25.57 1.14 12.98
C VAL D 80 -24.10 1.42 13.25
N ARG D 81 -23.27 0.39 13.10
CA ARG D 81 -21.83 0.51 13.29
C ARG D 81 -21.10 -0.28 12.22
N PHE D 82 -20.10 0.34 11.58
CA PHE D 82 -19.20 -0.39 10.70
C PHE D 82 -18.16 -1.14 11.52
N VAL D 83 -17.98 -2.44 11.24
CA VAL D 83 -16.84 -3.17 11.79
C VAL D 83 -15.62 -2.98 10.89
N THR D 84 -15.79 -3.15 9.57
CA THR D 84 -14.74 -2.86 8.61
C THR D 84 -14.42 -1.37 8.58
N LYS D 85 -13.13 -1.01 8.66
CA LYS D 85 -12.80 0.40 8.63
C LYS D 85 -13.19 0.99 7.28
N ILE D 86 -13.78 2.17 7.33
CA ILE D 86 -14.22 2.86 6.12
C ILE D 86 -14.12 4.35 6.38
N ASN D 87 -13.63 5.07 5.40
CA ASN D 87 -13.61 6.52 5.46
C ASN D 87 -14.80 7.02 4.65
N MET D 88 -15.80 7.53 5.35
CA MET D 88 -16.99 8.00 4.66
C MET D 88 -17.68 8.99 5.59
N ASN D 89 -18.21 10.08 5.01
CA ASN D 89 -18.94 11.07 5.79
C ASN D 89 -19.98 10.41 6.68
N GLY D 90 -19.97 10.79 7.95
CA GLY D 90 -20.91 10.27 8.92
C GLY D 90 -20.44 9.04 9.68
N ILE D 91 -19.30 8.46 9.33
CA ILE D 91 -18.80 7.27 10.00
C ILE D 91 -17.58 7.69 10.82
N ASN D 92 -17.63 7.40 12.12
CA ASN D 92 -16.57 7.85 13.01
C ASN D 92 -15.29 7.08 12.70
N ASN D 93 -14.17 7.79 12.52
CA ASN D 93 -13.00 7.11 11.99
C ASN D 93 -12.24 6.31 13.05
N SER D 94 -12.71 6.28 14.30
CA SER D 94 -12.08 5.40 15.27
C SER D 94 -13.02 4.35 15.85
N SER D 95 -14.33 4.56 15.82
CA SER D 95 -15.27 3.59 16.37
C SER D 95 -16.11 2.89 15.31
N GLY D 96 -16.16 3.44 14.10
CA GLY D 96 -17.06 2.95 13.08
C GLY D 96 -18.52 3.27 13.30
N MET D 97 -18.90 3.96 14.38
CA MET D 97 -20.31 4.24 14.57
C MET D 97 -20.83 5.27 13.56
N VAL D 98 -22.07 5.04 13.13
CA VAL D 98 -22.73 5.88 12.14
C VAL D 98 -23.50 6.95 12.86
N ASP D 99 -23.22 8.21 12.53
CA ASP D 99 -23.91 9.37 13.08
C ASP D 99 -25.24 9.54 12.38
N ALA D 100 -26.35 9.29 13.09
CA ALA D 100 -27.67 9.34 12.47
C ALA D 100 -27.93 10.68 11.81
N ARG D 101 -27.46 11.79 12.42
CA ARG D 101 -27.69 13.11 11.83
C ARG D 101 -27.15 13.22 10.41
N SER D 102 -26.10 12.46 10.10
CA SER D 102 -25.41 12.55 8.82
C SER D 102 -26.01 11.69 7.72
N ILE D 103 -26.95 10.80 8.05
CA ILE D 103 -27.52 9.85 7.09
C ILE D 103 -29.01 10.12 6.95
N PRO D 104 -29.47 10.63 5.80
CA PRO D 104 -30.87 11.11 5.73
C PRO D 104 -31.91 10.08 6.13
N VAL D 105 -31.74 8.81 5.77
CA VAL D 105 -32.74 7.81 6.14
C VAL D 105 -32.82 7.65 7.65
N LEU D 106 -31.72 7.88 8.38
CA LEU D 106 -31.76 7.79 9.84
C LEU D 106 -32.18 9.11 10.47
N ALA D 107 -31.66 10.23 9.95
CA ALA D 107 -32.01 11.55 10.45
C ALA D 107 -33.51 11.82 10.33
N LYS D 108 -34.11 11.39 9.22
CA LYS D 108 -35.54 11.55 8.97
C LYS D 108 -36.22 10.18 8.99
N TRP D 109 -35.91 9.38 10.00
CA TRP D 109 -36.45 8.02 10.05
C TRP D 109 -37.98 8.01 10.05
N GLN D 110 -38.55 7.06 9.32
CA GLN D 110 -39.98 6.78 9.33
C GLN D 110 -40.20 5.30 9.63
N ASN D 111 -41.34 4.96 10.24
CA ASN D 111 -41.50 3.58 10.71
C ASN D 111 -41.70 2.56 9.59
N SER D 112 -41.85 2.99 8.33
CA SER D 112 -41.89 2.07 7.19
C SER D 112 -40.50 1.62 6.74
N TYR D 113 -39.45 2.29 7.18
CA TYR D 113 -38.10 1.90 6.82
C TYR D 113 -37.71 0.59 7.54
N SER D 114 -36.57 0.03 7.12
CA SER D 114 -36.17 -1.31 7.50
C SER D 114 -34.65 -1.40 7.44
N ILE D 115 -34.10 -2.51 7.95
CA ILE D 115 -32.66 -2.74 7.86
C ILE D 115 -32.19 -2.63 6.41
N LYS D 116 -32.90 -3.34 5.50
CA LYS D 116 -32.58 -3.28 4.07
C LYS D 116 -32.45 -1.86 3.59
N VAL D 117 -33.45 -1.03 3.90
CA VAL D 117 -33.42 0.36 3.44
C VAL D 117 -32.19 1.09 3.96
N VAL D 118 -31.86 0.92 5.24
CA VAL D 118 -30.67 1.56 5.82
C VAL D 118 -29.42 1.14 5.06
N LEU D 119 -29.26 -0.17 4.83
CA LEU D 119 -28.04 -0.65 4.18
C LEU D 119 -27.97 -0.15 2.73
N GLN D 120 -29.11 -0.14 2.03
CA GLN D 120 -29.13 0.37 0.66
C GLN D 120 -28.81 1.86 0.62
N GLU D 121 -29.30 2.63 1.59
CA GLU D 121 -29.00 4.05 1.65
C GLU D 121 -27.51 4.29 1.88
N LEU D 122 -26.89 3.54 2.81
CA LEU D 122 -25.44 3.67 3.02
C LEU D 122 -24.67 3.33 1.75
N ARG D 123 -25.10 2.28 1.04
CA ARG D 123 -24.44 1.94 -0.22
C ARG D 123 -24.61 3.05 -1.25
N ARG D 124 -25.78 3.66 -1.32
CA ARG D 124 -25.96 4.76 -2.26
C ARG D 124 -25.07 5.93 -1.88
N LEU D 125 -24.90 6.16 -0.58
CA LEU D 125 -24.07 7.27 -0.15
C LEU D 125 -22.60 7.04 -0.49
N MET D 126 -22.12 5.78 -0.46
CA MET D 126 -20.74 5.61 -0.92
C MET D 126 -20.51 5.94 -2.40
N MET D 127 -21.58 6.18 -3.11
CA MET D 127 -21.67 6.43 -4.53
C MET D 127 -21.57 7.93 -4.79
N SER D 128 -21.66 8.74 -3.73
CA SER D 128 -21.81 10.18 -3.83
C SER D 128 -20.47 10.85 -4.10
N LYS D 129 -20.54 12.04 -4.72
CA LYS D 129 -19.32 12.80 -5.07
C LYS D 129 -18.45 13.05 -3.83
N GLU D 130 -19.10 13.25 -2.68
CA GLU D 130 -18.36 13.58 -1.47
C GLU D 130 -17.60 12.38 -0.92
N ASN D 131 -18.12 11.17 -1.12
CA ASN D 131 -17.49 9.99 -0.55
C ASN D 131 -16.64 9.21 -1.53
N MET D 132 -16.97 9.23 -2.82
CA MET D 132 -16.44 8.22 -3.73
C MET D 132 -14.93 8.33 -3.94
N LYS D 133 -14.33 9.49 -3.68
CA LYS D 133 -12.90 9.68 -3.84
C LYS D 133 -12.16 9.81 -2.52
N LEU D 134 -12.83 9.64 -1.39
CA LEU D 134 -12.16 9.70 -0.09
C LEU D 134 -11.06 8.64 -0.03
N PRO D 135 -9.84 9.01 0.37
CA PRO D 135 -8.81 8.00 0.56
C PRO D 135 -9.28 6.94 1.54
N GLN D 136 -8.96 5.67 1.23
CA GLN D 136 -9.42 4.61 2.10
C GLN D 136 -8.25 3.97 2.83
N PRO D 137 -8.51 3.38 3.99
CA PRO D 137 -7.46 2.64 4.70
C PRO D 137 -7.02 1.42 3.92
N PRO D 138 -5.90 0.81 4.28
CA PRO D 138 -5.54 -0.48 3.68
C PRO D 138 -6.68 -1.47 3.81
N GLU D 139 -6.95 -2.20 2.74
CA GLU D 139 -8.05 -3.17 2.72
C GLU D 139 -7.94 -4.13 3.90
N GLY D 140 -9.10 -4.53 4.43
CA GLY D 140 -9.19 -5.50 5.49
C GLY D 140 -9.16 -4.94 6.91
N GLN D 141 -8.68 -3.71 7.09
CA GLN D 141 -8.56 -3.18 8.44
C GLN D 141 -9.93 -3.09 9.10
N THR D 142 -9.93 -3.15 10.44
CA THR D 142 -11.15 -2.99 11.23
C THR D 142 -10.83 -2.07 12.41
N TYR D 143 -11.90 -1.67 13.11
CA TYR D 143 -11.77 -0.83 14.29
C TYR D 143 -11.58 -1.70 15.53
N ASN D 144 -10.92 -1.13 16.54
CA ASN D 144 -10.71 -1.83 17.81
C ASN D 144 -12.00 -2.43 18.36
#